data_6GBT
#
_entry.id   6GBT
#
_cell.length_a   91.654
_cell.length_b   91.654
_cell.length_c   134.099
_cell.angle_alpha   90.00
_cell.angle_beta   90.00
_cell.angle_gamma   90.00
#
_symmetry.space_group_name_H-M   'I 4 2 2'
#
loop_
_entity.id
_entity.type
_entity.pdbx_description
1 polymer '17-beta-hydroxysteroid dehydrogenase 14'
2 non-polymer NICOTINAMIDE-ADENINE-DINUCLEOTIDE
3 non-polymer [6-(3,4-dihydroxyphenyl)pyridin-2-yl](4-fluoro-3-hydroxyphenyl)methanone
4 non-polymer 'DIMETHYL SULFOXIDE'
5 non-polymer 'SODIUM ION'
6 water water
#
_entity_poly.entity_id   1
_entity_poly.type   'polypeptide(L)'
_entity_poly.pdbx_seq_one_letter_code
;MATGTRYAGKVVVVTGGGRGIGAGIVRAFVNSGARVVICDKDESGGRALEQELPGAVFILCDVTQEDDVKTLVSETIRRF
GRLDCVVNNAGHHPPPQRPEETSAQGFRQLLELNLLGTYTLTKLALPYLRKSQGNVINISSLVGAIGQAQAVPYVATKGA
VTAMTKALALDESPYGVRVNCISPGNIWTPLWEELAALMPDPRASIREGMLAQPLGRMGQPAEVGAAAVFLASEANFCTG
IELLVTGGAELGYGAKASRSTPVDAPDIPS
;
_entity_poly.pdbx_strand_id   A
#
loop_
_chem_comp.id
_chem_comp.type
_chem_comp.name
_chem_comp.formula
DMS non-polymer 'DIMETHYL SULFOXIDE' 'C2 H6 O S'
F45 non-polymer [6-(3,4-dihydroxyphenyl)pyridin-2-yl](4-fluoro-3-hydroxyphenyl)methanone 'C18 H12 F N O4'
NA non-polymer 'SODIUM ION' 'Na 1'
NAD non-polymer NICOTINAMIDE-ADENINE-DINUCLEOTIDE 'C21 H27 N7 O14 P2'
#
# COMPACT_ATOMS: atom_id res chain seq x y z
N THR A 5 -0.82 -15.29 -16.90
CA THR A 5 -0.34 -14.77 -18.17
C THR A 5 -0.44 -13.22 -18.39
N ARG A 6 -1.29 -12.54 -17.61
CA ARG A 6 -1.55 -11.11 -17.84
C ARG A 6 -0.33 -10.24 -17.61
N TYR A 7 0.59 -10.64 -16.73
CA TYR A 7 1.77 -9.84 -16.44
C TYR A 7 3.02 -10.73 -16.47
N ALA A 8 3.04 -11.68 -17.40
CA ALA A 8 4.14 -12.63 -17.50
C ALA A 8 5.41 -11.93 -17.97
N GLY A 9 6.55 -12.37 -17.45
CA GLY A 9 7.83 -11.79 -17.81
C GLY A 9 8.20 -10.50 -17.10
N LYS A 10 7.31 -9.97 -16.25
CA LYS A 10 7.50 -8.72 -15.53
C LYS A 10 8.05 -9.00 -14.13
N VAL A 11 8.70 -7.99 -13.54
CA VAL A 11 9.29 -8.07 -12.20
C VAL A 11 8.70 -6.97 -11.32
N VAL A 12 8.19 -7.36 -10.15
CA VAL A 12 7.41 -6.48 -9.28
C VAL A 12 8.01 -6.49 -7.87
N VAL A 13 8.16 -5.31 -7.27
CA VAL A 13 8.54 -5.19 -5.86
C VAL A 13 7.32 -4.72 -5.08
N VAL A 14 7.01 -5.41 -3.98
CA VAL A 14 5.91 -5.04 -3.09
C VAL A 14 6.48 -4.81 -1.69
N THR A 15 6.33 -3.59 -1.16
CA THR A 15 6.80 -3.31 0.19
C THR A 15 5.72 -3.65 1.21
N GLY A 16 6.15 -3.99 2.43
CA GLY A 16 5.22 -4.53 3.41
C GLY A 16 4.48 -5.76 2.91
N GLY A 17 5.11 -6.60 2.09
CA GLY A 17 4.39 -7.70 1.49
C GLY A 17 4.26 -8.97 2.32
N GLY A 18 4.65 -8.93 3.61
CA GLY A 18 4.68 -10.15 4.40
C GLY A 18 3.36 -10.61 4.95
N ARG A 19 2.40 -9.69 5.10
CA ARG A 19 1.06 -10.03 5.60
C ARG A 19 0.09 -8.99 5.10
N GLY A 20 -1.21 -9.22 5.37
CA GLY A 20 -2.22 -8.20 5.14
C GLY A 20 -2.45 -7.88 3.67
N ILE A 21 -2.73 -6.59 3.39
CA ILE A 21 -2.93 -6.15 2.01
C ILE A 21 -1.71 -6.48 1.16
N GLY A 22 -0.50 -6.18 1.66
CA GLY A 22 0.71 -6.48 0.91
C GLY A 22 0.80 -7.93 0.44
N ALA A 23 0.49 -8.87 1.32
CA ALA A 23 0.53 -10.28 0.92
C ALA A 23 -0.53 -10.60 -0.13
N GLY A 24 -1.71 -9.97 -0.05
CA GLY A 24 -2.72 -10.16 -1.08
C GLY A 24 -2.24 -9.65 -2.44
N ILE A 25 -1.53 -8.52 -2.45
CA ILE A 25 -0.97 -7.99 -3.68
C ILE A 25 0.09 -8.92 -4.25
N VAL A 26 0.99 -9.43 -3.39
CA VAL A 26 2.00 -10.40 -3.83
C VAL A 26 1.33 -11.58 -4.54
N ARG A 27 0.31 -12.16 -3.90
CA ARG A 27 -0.34 -13.34 -4.49
C ARG A 27 -0.98 -13.01 -5.83
N ALA A 28 -1.60 -11.84 -5.93
CA ALA A 28 -2.27 -11.45 -7.17
C ALA A 28 -1.27 -11.35 -8.32
N PHE A 29 -0.09 -10.75 -8.07
CA PHE A 29 0.91 -10.63 -9.14
C PHE A 29 1.51 -11.98 -9.50
N VAL A 30 1.79 -12.83 -8.52
CA VAL A 30 2.27 -14.18 -8.81
C VAL A 30 1.26 -14.92 -9.68
N ASN A 31 -0.03 -14.84 -9.32
CA ASN A 31 -1.08 -15.50 -10.10
C ASN A 31 -1.21 -14.93 -11.51
N SER A 32 -0.74 -13.71 -11.74
N SER A 32 -0.74 -13.71 -11.72
CA SER A 32 -0.77 -13.11 -13.05
CA SER A 32 -0.76 -13.07 -13.04
C SER A 32 0.49 -13.37 -13.87
C SER A 32 0.47 -13.43 -13.89
N GLY A 33 1.42 -14.19 -13.35
CA GLY A 33 2.59 -14.59 -14.10
C GLY A 33 3.86 -13.84 -13.79
N ALA A 34 3.83 -12.84 -12.91
CA ALA A 34 4.99 -12.02 -12.62
C ALA A 34 5.91 -12.71 -11.60
N ARG A 35 7.18 -12.30 -11.62
CA ARG A 35 8.10 -12.57 -10.51
C ARG A 35 8.05 -11.43 -9.52
N VAL A 36 8.01 -11.76 -8.21
CA VAL A 36 7.72 -10.77 -7.19
C VAL A 36 8.80 -10.79 -6.11
N VAL A 37 9.32 -9.62 -5.78
CA VAL A 37 10.22 -9.45 -4.65
C VAL A 37 9.40 -8.96 -3.47
N ILE A 38 9.35 -9.76 -2.41
CA ILE A 38 8.64 -9.39 -1.18
C ILE A 38 9.62 -8.63 -0.29
N CYS A 39 9.34 -7.34 -0.10
CA CYS A 39 10.04 -6.50 0.87
C CYS A 39 9.26 -6.45 2.17
N ASP A 40 9.95 -6.61 3.31
CA ASP A 40 9.32 -6.41 4.61
C ASP A 40 10.41 -6.27 5.68
N LYS A 41 10.08 -5.57 6.76
CA LYS A 41 11.03 -5.42 7.87
C LYS A 41 10.97 -6.58 8.84
N ASP A 42 9.90 -7.36 8.84
N ASP A 42 9.91 -7.37 8.79
CA ASP A 42 9.80 -8.54 9.66
CA ASP A 42 9.72 -8.55 9.61
C ASP A 42 9.91 -9.79 8.79
C ASP A 42 9.93 -9.80 8.75
N GLU A 43 10.63 -10.79 9.31
CA GLU A 43 11.02 -11.95 8.52
C GLU A 43 9.94 -13.02 8.45
N SER A 44 9.11 -13.16 9.47
CA SER A 44 8.29 -14.36 9.65
C SER A 44 7.32 -14.57 8.47
N GLY A 45 6.46 -13.59 8.20
CA GLY A 45 5.48 -13.76 7.13
C GLY A 45 6.12 -13.85 5.75
N GLY A 46 7.04 -12.93 5.44
CA GLY A 46 7.63 -12.89 4.10
C GLY A 46 8.43 -14.13 3.76
N ARG A 47 9.16 -14.69 4.74
CA ARG A 47 9.94 -15.90 4.48
C ARG A 47 9.05 -17.10 4.18
N ALA A 48 7.94 -17.25 4.91
CA ALA A 48 7.02 -18.33 4.61
C ALA A 48 6.37 -18.15 3.23
N LEU A 49 6.05 -16.90 2.88
CA LEU A 49 5.44 -16.62 1.57
C LEU A 49 6.36 -17.02 0.43
N GLU A 50 7.65 -16.73 0.58
CA GLU A 50 8.65 -17.14 -0.41
C GLU A 50 8.72 -18.67 -0.54
N GLN A 51 8.64 -19.39 0.59
CA GLN A 51 8.62 -20.86 0.51
C GLN A 51 7.35 -21.34 -0.18
N GLU A 52 6.25 -20.63 -0.01
CA GLU A 52 4.96 -21.06 -0.53
C GLU A 52 4.82 -20.80 -2.03
N LEU A 53 5.33 -19.67 -2.51
CA LEU A 53 5.01 -19.19 -3.86
C LEU A 53 6.22 -19.29 -4.75
N PRO A 54 6.22 -20.16 -5.76
CA PRO A 54 7.27 -20.10 -6.77
C PRO A 54 7.20 -18.78 -7.50
N GLY A 55 8.34 -18.19 -7.76
CA GLY A 55 8.32 -16.88 -8.38
C GLY A 55 8.27 -15.70 -7.43
N ALA A 56 8.19 -15.92 -6.11
CA ALA A 56 8.34 -14.86 -5.11
C ALA A 56 9.57 -15.13 -4.26
N VAL A 57 10.36 -14.08 -4.00
CA VAL A 57 11.51 -14.18 -3.11
C VAL A 57 11.42 -13.04 -2.10
N PHE A 58 11.93 -13.29 -0.90
CA PHE A 58 11.88 -12.35 0.21
C PHE A 58 13.22 -11.64 0.40
N ILE A 59 13.18 -10.31 0.49
CA ILE A 59 14.35 -9.52 0.81
C ILE A 59 14.05 -8.66 2.03
N LEU A 60 14.77 -8.89 3.13
CA LEU A 60 14.59 -8.10 4.34
C LEU A 60 14.96 -6.64 4.08
N CYS A 61 14.02 -5.72 4.35
CA CYS A 61 14.28 -4.31 4.06
C CYS A 61 13.32 -3.44 4.85
N ASP A 62 13.88 -2.52 5.64
CA ASP A 62 13.10 -1.49 6.31
C ASP A 62 13.08 -0.26 5.41
N VAL A 63 11.88 0.10 4.91
CA VAL A 63 11.80 1.19 3.93
C VAL A 63 12.16 2.56 4.50
N THR A 64 12.26 2.70 5.82
CA THR A 64 12.71 3.97 6.38
C THR A 64 14.23 4.08 6.43
N GLN A 65 14.96 3.03 6.06
CA GLN A 65 16.42 3.06 6.05
C GLN A 65 16.87 3.12 4.60
N GLU A 66 17.47 4.25 4.20
CA GLU A 66 17.79 4.48 2.80
C GLU A 66 18.74 3.41 2.25
N ASP A 67 19.68 2.93 3.07
CA ASP A 67 20.61 1.89 2.62
C ASP A 67 19.90 0.57 2.39
N ASP A 68 18.92 0.22 3.24
CA ASP A 68 18.09 -0.96 2.99
C ASP A 68 17.44 -0.88 1.61
N VAL A 69 16.89 0.29 1.26
CA VAL A 69 16.15 0.44 0.00
C VAL A 69 17.11 0.39 -1.19
N LYS A 70 18.28 1.03 -1.06
CA LYS A 70 19.30 0.96 -2.09
C LYS A 70 19.66 -0.50 -2.39
N THR A 71 19.84 -1.30 -1.35
CA THR A 71 20.17 -2.71 -1.49
C THR A 71 19.01 -3.51 -2.08
N LEU A 72 17.77 -3.16 -1.69
CA LEU A 72 16.61 -3.82 -2.27
C LEU A 72 16.57 -3.65 -3.79
N VAL A 73 16.81 -2.44 -4.28
CA VAL A 73 16.75 -2.20 -5.72
C VAL A 73 17.90 -2.93 -6.44
N SER A 74 19.12 -2.78 -5.94
CA SER A 74 20.25 -3.40 -6.64
C SER A 74 20.19 -4.93 -6.58
N GLU A 75 19.69 -5.51 -5.50
CA GLU A 75 19.50 -6.96 -5.48
C GLU A 75 18.41 -7.42 -6.46
N THR A 76 17.33 -6.64 -6.60
CA THR A 76 16.29 -7.00 -7.56
C THR A 76 16.85 -7.07 -8.98
N ILE A 77 17.62 -6.04 -9.36
CA ILE A 77 18.23 -5.97 -10.70
C ILE A 77 19.26 -7.10 -10.87
N ARG A 78 20.10 -7.33 -9.86
CA ARG A 78 21.12 -8.38 -9.98
C ARG A 78 20.47 -9.74 -10.15
N ARG A 79 19.35 -10.00 -9.46
CA ARG A 79 18.76 -11.34 -9.52
C ARG A 79 17.76 -11.52 -10.66
N PHE A 80 17.11 -10.45 -11.14
CA PHE A 80 16.06 -10.62 -12.14
C PHE A 80 16.24 -9.81 -13.41
N GLY A 81 17.18 -8.86 -13.46
CA GLY A 81 17.56 -8.24 -14.73
C GLY A 81 16.68 -7.09 -15.22
N ARG A 82 15.62 -6.73 -14.48
CA ARG A 82 14.69 -5.69 -14.89
C ARG A 82 13.78 -5.36 -13.71
N LEU A 83 13.04 -4.25 -13.83
CA LEU A 83 12.06 -3.87 -12.83
C LEU A 83 10.91 -3.17 -13.53
N ASP A 84 9.69 -3.72 -13.40
CA ASP A 84 8.54 -3.20 -14.12
C ASP A 84 7.52 -2.46 -13.25
N CYS A 85 7.43 -2.76 -11.95
CA CYS A 85 6.36 -2.17 -11.14
C CYS A 85 6.80 -2.15 -9.68
N VAL A 86 6.55 -1.03 -9.02
CA VAL A 86 6.81 -0.87 -7.58
C VAL A 86 5.48 -0.59 -6.90
N VAL A 87 5.13 -1.41 -5.91
CA VAL A 87 3.93 -1.23 -5.13
C VAL A 87 4.35 -0.77 -3.73
N ASN A 88 4.10 0.50 -3.41
CA ASN A 88 4.45 1.07 -2.10
C ASN A 88 3.27 0.86 -1.15
N ASN A 89 3.28 -0.28 -0.45
CA ASN A 89 2.22 -0.68 0.46
C ASN A 89 2.60 -0.56 1.93
N ALA A 90 3.89 -0.64 2.26
CA ALA A 90 4.32 -0.54 3.67
C ALA A 90 3.78 0.72 4.32
N GLY A 91 3.17 0.55 5.49
CA GLY A 91 2.62 1.67 6.23
C GLY A 91 2.00 1.15 7.52
N HIS A 92 1.56 2.10 8.36
CA HIS A 92 1.06 1.76 9.69
C HIS A 92 -0.03 2.74 10.10
N HIS A 93 -1.05 2.25 10.80
CA HIS A 93 -2.05 3.10 11.46
C HIS A 93 -1.90 3.02 12.97
N PRO A 94 -1.49 4.09 13.66
CA PRO A 94 -1.39 4.07 15.13
C PRO A 94 -2.74 3.85 15.77
N PRO A 95 -2.80 3.52 17.06
CA PRO A 95 -4.08 3.46 17.74
C PRO A 95 -4.78 4.81 17.66
N PRO A 96 -6.11 4.82 17.76
CA PRO A 96 -6.84 6.10 17.80
C PRO A 96 -6.26 7.01 18.89
N GLN A 97 -6.04 8.28 18.55
N GLN A 97 -6.11 8.30 18.54
CA GLN A 97 -5.63 9.21 19.59
CA GLN A 97 -5.49 9.30 19.41
C GLN A 97 -6.16 10.59 19.30
C GLN A 97 -6.19 10.63 19.25
N ARG A 98 -6.62 11.24 20.36
CA ARG A 98 -7.14 12.60 20.30
C ARG A 98 -6.05 13.55 19.81
N PRO A 99 -6.41 14.67 19.18
CA PRO A 99 -5.37 15.61 18.70
C PRO A 99 -4.39 16.01 19.78
N GLU A 100 -4.89 16.29 20.99
CA GLU A 100 -4.02 16.77 22.05
C GLU A 100 -3.13 15.67 22.60
N GLU A 101 -3.45 14.41 22.31
CA GLU A 101 -2.62 13.28 22.68
C GLU A 101 -1.51 12.99 21.68
N THR A 102 -1.55 13.57 20.48
CA THR A 102 -0.50 13.33 19.50
C THR A 102 0.71 14.21 19.80
N SER A 103 1.86 13.84 19.24
CA SER A 103 3.07 14.63 19.37
C SER A 103 3.68 14.89 18.00
N ALA A 104 4.48 15.95 17.92
CA ALA A 104 5.22 16.22 16.69
C ALA A 104 6.21 15.12 16.36
N GLN A 105 6.81 14.48 17.37
CA GLN A 105 7.80 13.45 17.07
C GLN A 105 7.13 12.18 16.57
N GLY A 106 5.97 11.82 17.12
CA GLY A 106 5.22 10.71 16.58
C GLY A 106 4.75 10.98 15.16
N PHE A 107 4.35 12.22 14.88
CA PHE A 107 3.94 12.64 13.54
C PHE A 107 5.10 12.49 12.55
N ARG A 108 6.29 12.97 12.92
CA ARG A 108 7.47 12.83 12.08
C ARG A 108 7.79 11.36 11.78
N GLN A 109 7.76 10.52 12.81
CA GLN A 109 8.05 9.10 12.63
C GLN A 109 7.05 8.44 11.68
N LEU A 110 5.77 8.83 11.77
CA LEU A 110 4.78 8.23 10.89
C LEU A 110 4.99 8.71 9.45
N LEU A 111 5.39 9.98 9.30
CA LEU A 111 5.75 10.49 7.97
C LEU A 111 6.93 9.72 7.37
N GLU A 112 7.90 9.31 8.19
CA GLU A 112 9.03 8.53 7.66
C GLU A 112 8.56 7.23 7.01
N LEU A 113 7.63 6.52 7.67
CA LEU A 113 7.16 5.26 7.11
C LEU A 113 6.17 5.48 5.97
N ASN A 114 5.04 6.12 6.27
CA ASN A 114 3.93 6.18 5.32
C ASN A 114 4.25 7.05 4.09
N LEU A 115 5.14 8.04 4.20
CA LEU A 115 5.38 8.97 3.10
C LEU A 115 6.80 8.91 2.56
N LEU A 116 7.80 9.06 3.43
CA LEU A 116 9.17 9.16 2.92
C LEU A 116 9.71 7.82 2.47
N GLY A 117 9.20 6.71 3.03
CA GLY A 117 9.61 5.39 2.54
C GLY A 117 9.11 5.16 1.12
N THR A 118 7.88 5.57 0.85
CA THR A 118 7.34 5.54 -0.50
C THR A 118 8.17 6.41 -1.44
N TYR A 119 8.52 7.61 -0.99
CA TYR A 119 9.30 8.52 -1.83
C TYR A 119 10.67 7.93 -2.17
N THR A 120 11.34 7.34 -1.18
CA THR A 120 12.70 6.84 -1.37
C THR A 120 12.76 5.68 -2.35
N LEU A 121 11.90 4.66 -2.16
CA LEU A 121 11.91 3.53 -3.11
C LEU A 121 11.55 3.99 -4.51
N THR A 122 10.53 4.85 -4.64
CA THR A 122 10.15 5.32 -5.97
C THR A 122 11.33 6.02 -6.67
N LYS A 123 12.02 6.91 -5.96
CA LYS A 123 13.15 7.62 -6.55
C LYS A 123 14.24 6.67 -7.03
N LEU A 124 14.62 5.69 -6.21
CA LEU A 124 15.70 4.77 -6.58
C LEU A 124 15.29 3.82 -7.70
N ALA A 125 14.00 3.53 -7.84
CA ALA A 125 13.54 2.62 -8.87
C ALA A 125 13.29 3.29 -10.22
N LEU A 126 13.06 4.61 -10.24
CA LEU A 126 12.64 5.26 -11.47
C LEU A 126 13.60 5.10 -12.64
N PRO A 127 14.95 5.12 -12.46
CA PRO A 127 15.82 4.84 -13.61
C PRO A 127 15.54 3.51 -14.28
N TYR A 128 15.20 2.46 -13.51
CA TYR A 128 14.90 1.17 -14.11
C TYR A 128 13.47 1.13 -14.68
N LEU A 129 12.53 1.83 -14.03
CA LEU A 129 11.17 1.87 -14.55
C LEU A 129 11.11 2.61 -15.89
N ARG A 130 11.94 3.64 -16.06
CA ARG A 130 11.99 4.31 -17.35
C ARG A 130 12.49 3.38 -18.46
N LYS A 131 13.47 2.53 -18.16
CA LYS A 131 13.97 1.60 -19.17
C LYS A 131 12.89 0.63 -19.62
N SER A 132 12.03 0.20 -18.69
CA SER A 132 11.00 -0.81 -18.98
C SER A 132 9.64 -0.20 -19.28
N GLN A 133 9.52 1.14 -19.28
CA GLN A 133 8.23 1.82 -19.31
C GLN A 133 7.27 1.21 -18.29
N GLY A 134 7.77 1.05 -17.07
CA GLY A 134 7.02 0.47 -15.99
C GLY A 134 6.11 1.48 -15.31
N ASN A 135 5.70 1.17 -14.08
CA ASN A 135 4.70 2.00 -13.41
C ASN A 135 4.82 1.87 -11.90
N VAL A 136 4.27 2.87 -11.21
CA VAL A 136 4.27 2.98 -9.74
C VAL A 136 2.82 2.92 -9.23
N ILE A 137 2.61 2.13 -8.17
CA ILE A 137 1.31 2.01 -7.52
C ILE A 137 1.51 2.26 -6.02
N ASN A 138 0.95 3.36 -5.51
CA ASN A 138 0.99 3.66 -4.09
C ASN A 138 -0.31 3.21 -3.41
N ILE A 139 -0.20 2.61 -2.24
CA ILE A 139 -1.37 2.24 -1.44
C ILE A 139 -1.61 3.38 -0.45
N SER A 140 -2.62 4.20 -0.71
CA SER A 140 -2.96 5.35 0.12
C SER A 140 -4.10 4.95 1.06
N SER A 141 -5.20 5.71 1.16
CA SER A 141 -6.38 5.40 1.97
C SER A 141 -7.50 6.37 1.63
N LEU A 142 -8.73 5.85 1.68
CA LEU A 142 -9.91 6.70 1.57
C LEU A 142 -9.91 7.84 2.60
N VAL A 143 -9.35 7.61 3.79
CA VAL A 143 -9.40 8.68 4.80
C VAL A 143 -8.46 9.83 4.50
N GLY A 144 -7.51 9.66 3.56
CA GLY A 144 -6.81 10.84 3.06
C GLY A 144 -7.75 11.81 2.36
N ALA A 145 -8.81 11.30 1.73
CA ALA A 145 -9.76 12.12 0.97
C ALA A 145 -10.92 12.64 1.82
N ILE A 146 -11.43 11.85 2.77
CA ILE A 146 -12.61 12.24 3.54
C ILE A 146 -12.30 12.50 5.01
N GLY A 147 -11.06 12.27 5.47
CA GLY A 147 -10.72 12.42 6.88
C GLY A 147 -11.15 11.21 7.70
N GLN A 148 -10.72 11.19 8.96
CA GLN A 148 -11.03 10.15 9.95
C GLN A 148 -10.92 10.75 11.35
N ALA A 149 -11.72 10.24 12.27
CA ALA A 149 -11.62 10.72 13.64
C ALA A 149 -10.45 10.07 14.37
N GLN A 150 -9.86 10.82 15.30
CA GLN A 150 -8.75 10.39 16.15
C GLN A 150 -7.57 9.83 15.34
N ALA A 151 -7.20 10.52 14.27
CA ALA A 151 -6.12 10.04 13.41
C ALA A 151 -5.47 11.17 12.61
N VAL A 152 -5.26 12.32 13.25
CA VAL A 152 -4.69 13.49 12.56
C VAL A 152 -3.37 13.15 11.84
N PRO A 153 -2.37 12.54 12.48
CA PRO A 153 -1.14 12.23 11.74
C PRO A 153 -1.35 11.20 10.62
N TYR A 154 -2.08 10.12 10.88
CA TYR A 154 -2.30 9.13 9.82
C TYR A 154 -2.96 9.75 8.60
N VAL A 155 -4.03 10.51 8.81
CA VAL A 155 -4.79 11.10 7.69
C VAL A 155 -3.88 12.05 6.90
N ALA A 156 -3.08 12.84 7.60
CA ALA A 156 -2.16 13.74 6.92
C ALA A 156 -1.19 12.97 6.02
N THR A 157 -0.63 11.84 6.50
CA THR A 157 0.32 11.10 5.67
C THR A 157 -0.34 10.56 4.40
N LYS A 158 -1.61 10.14 4.48
CA LYS A 158 -2.26 9.61 3.28
C LYS A 158 -2.71 10.72 2.33
N GLY A 159 -3.13 11.88 2.85
CA GLY A 159 -3.36 13.01 1.97
C GLY A 159 -2.12 13.36 1.15
N ALA A 160 -0.95 13.29 1.79
CA ALA A 160 0.32 13.53 1.09
C ALA A 160 0.59 12.47 0.03
N VAL A 161 0.35 11.20 0.34
CA VAL A 161 0.64 10.14 -0.64
C VAL A 161 -0.21 10.34 -1.90
N THR A 162 -1.50 10.59 -1.74
CA THR A 162 -2.39 10.75 -2.89
C THR A 162 -1.97 11.94 -3.75
N ALA A 163 -1.64 13.06 -3.10
CA ALA A 163 -1.21 14.26 -3.83
C ALA A 163 0.12 14.03 -4.53
N MET A 164 1.07 13.42 -3.83
CA MET A 164 2.37 13.10 -4.42
C MET A 164 2.22 12.22 -5.67
N THR A 165 1.27 11.27 -5.64
CA THR A 165 1.03 10.40 -6.79
C THR A 165 0.72 11.21 -8.04
N LYS A 166 -0.07 12.28 -7.90
CA LYS A 166 -0.44 13.11 -9.05
C LYS A 166 0.73 13.96 -9.53
N ALA A 167 1.52 14.51 -8.61
CA ALA A 167 2.69 15.31 -8.99
C ALA A 167 3.68 14.47 -9.77
N LEU A 168 3.98 13.27 -9.27
CA LEU A 168 4.95 12.41 -9.94
C LEU A 168 4.41 11.88 -11.27
N ALA A 169 3.10 11.62 -11.36
CA ALA A 169 2.52 11.25 -12.64
C ALA A 169 2.78 12.33 -13.69
N LEU A 170 2.70 13.61 -13.30
CA LEU A 170 3.00 14.70 -14.24
C LEU A 170 4.46 14.70 -14.65
N ASP A 171 5.38 14.52 -13.71
CA ASP A 171 6.80 14.56 -14.04
C ASP A 171 7.22 13.39 -14.93
N GLU A 172 6.65 12.21 -14.71
CA GLU A 172 7.10 11.01 -15.40
C GLU A 172 6.32 10.72 -16.67
N SER A 173 5.22 11.41 -16.91
CA SER A 173 4.48 11.19 -18.16
C SER A 173 5.33 11.33 -19.42
N PRO A 174 6.26 12.28 -19.55
CA PRO A 174 7.06 12.34 -20.78
C PRO A 174 7.88 11.08 -21.03
N TYR A 175 8.15 10.27 -20.00
CA TYR A 175 8.93 9.06 -20.15
C TYR A 175 8.07 7.82 -20.26
N GLY A 176 6.75 7.97 -20.35
CA GLY A 176 5.89 6.80 -20.40
C GLY A 176 5.79 5.99 -19.12
N VAL A 177 6.24 6.52 -17.98
CA VAL A 177 6.07 5.86 -16.68
C VAL A 177 4.79 6.38 -16.02
N ARG A 178 3.84 5.48 -15.76
CA ARG A 178 2.58 5.85 -15.11
C ARG A 178 2.69 5.74 -13.59
N VAL A 179 2.02 6.65 -12.87
CA VAL A 179 2.04 6.68 -11.40
C VAL A 179 0.60 6.78 -10.90
N ASN A 180 0.12 5.75 -10.20
CA ASN A 180 -1.28 5.69 -9.74
C ASN A 180 -1.32 5.30 -8.27
N CYS A 181 -2.47 5.50 -7.63
CA CYS A 181 -2.63 5.01 -6.26
C CYS A 181 -3.96 4.29 -6.10
N ILE A 182 -4.02 3.44 -5.08
CA ILE A 182 -5.25 2.77 -4.65
C ILE A 182 -5.58 3.31 -3.26
N SER A 183 -6.85 3.67 -3.06
CA SER A 183 -7.31 4.15 -1.75
C SER A 183 -8.27 3.11 -1.19
N PRO A 184 -7.80 2.15 -0.40
CA PRO A 184 -8.72 1.20 0.22
C PRO A 184 -9.45 1.86 1.37
N GLY A 185 -10.63 1.32 1.67
CA GLY A 185 -11.35 1.57 2.92
C GLY A 185 -11.01 0.51 3.95
N ASN A 186 -12.00 0.15 4.76
CA ASN A 186 -11.84 -0.91 5.77
C ASN A 186 -11.56 -2.27 5.12
N ILE A 187 -10.33 -2.74 5.23
CA ILE A 187 -9.94 -4.06 4.73
C ILE A 187 -9.58 -4.90 5.95
N TRP A 188 -10.10 -6.13 6.02
CA TRP A 188 -9.83 -7.02 7.15
C TRP A 188 -8.43 -7.60 7.01
N THR A 189 -7.51 -7.18 7.90
CA THR A 189 -6.08 -7.49 7.91
C THR A 189 -5.62 -7.69 9.34
N PRO A 190 -4.39 -8.18 9.57
CA PRO A 190 -3.90 -8.27 10.95
C PRO A 190 -3.83 -6.94 11.68
N LEU A 191 -3.56 -5.83 10.98
CA LEU A 191 -3.60 -4.55 11.64
C LEU A 191 -5.01 -4.21 12.12
N TRP A 192 -6.03 -4.48 11.30
CA TRP A 192 -7.41 -4.24 11.73
C TRP A 192 -7.74 -5.07 12.97
N GLU A 193 -7.31 -6.34 12.96
CA GLU A 193 -7.54 -7.24 14.09
C GLU A 193 -6.80 -6.74 15.34
N GLU A 194 -5.54 -6.32 15.19
CA GLU A 194 -4.76 -5.82 16.32
C GLU A 194 -5.38 -4.56 16.92
N LEU A 195 -5.72 -3.58 16.07
CA LEU A 195 -6.31 -2.35 16.59
C LEU A 195 -7.66 -2.60 17.27
N ALA A 196 -8.45 -3.53 16.72
CA ALA A 196 -9.75 -3.81 17.35
C ALA A 196 -9.60 -4.42 18.73
N ALA A 197 -8.54 -5.21 18.94
CA ALA A 197 -8.32 -5.86 20.23
C ALA A 197 -8.00 -4.84 21.32
N LEU A 198 -7.45 -3.68 20.97
CA LEU A 198 -7.21 -2.61 21.94
C LEU A 198 -8.47 -1.83 22.28
N MET A 199 -9.56 -2.03 21.54
CA MET A 199 -10.75 -1.23 21.77
C MET A 199 -11.47 -1.70 23.03
N PRO A 200 -12.21 -0.81 23.69
CA PRO A 200 -13.01 -1.24 24.86
C PRO A 200 -13.89 -2.44 24.56
N ASP A 201 -14.44 -2.53 23.35
CA ASP A 201 -15.36 -3.60 22.98
C ASP A 201 -14.97 -4.08 21.59
N PRO A 202 -14.01 -5.01 21.50
CA PRO A 202 -13.53 -5.47 20.19
C PRO A 202 -14.61 -5.93 19.24
N ARG A 203 -15.56 -6.74 19.71
CA ARG A 203 -16.61 -7.24 18.82
C ARG A 203 -17.49 -6.12 18.31
N ALA A 204 -17.77 -5.12 19.16
CA ALA A 204 -18.57 -3.98 18.71
C ALA A 204 -17.81 -3.14 17.68
N SER A 205 -16.51 -2.99 17.85
CA SER A 205 -15.73 -2.19 16.91
C SER A 205 -15.65 -2.87 15.55
N ILE A 206 -15.57 -4.19 15.51
CA ILE A 206 -15.57 -4.90 14.24
C ILE A 206 -16.94 -4.83 13.58
N ARG A 207 -18.01 -4.96 14.37
CA ARG A 207 -19.36 -4.80 13.83
C ARG A 207 -19.54 -3.45 13.16
N GLU A 208 -19.09 -2.37 13.84
CA GLU A 208 -19.21 -1.03 13.29
C GLU A 208 -18.37 -0.85 12.02
N GLY A 209 -17.18 -1.45 11.99
CA GLY A 209 -16.34 -1.39 10.79
C GLY A 209 -16.96 -2.07 9.59
N MET A 210 -17.72 -3.14 9.81
CA MET A 210 -18.41 -3.80 8.71
C MET A 210 -19.61 -3.00 8.21
N LEU A 211 -20.31 -2.30 9.13
CA LEU A 211 -21.49 -1.55 8.75
C LEU A 211 -21.16 -0.17 8.16
N ALA A 212 -19.89 0.25 8.23
CA ALA A 212 -19.51 1.53 7.65
C ALA A 212 -19.65 1.54 6.14
N GLN A 213 -19.73 0.35 5.51
CA GLN A 213 -19.88 0.18 4.06
C GLN A 213 -21.31 -0.18 3.70
N PRO A 214 -21.90 0.47 2.71
CA PRO A 214 -23.20 0.03 2.20
C PRO A 214 -23.23 -1.44 1.85
N LEU A 215 -22.13 -2.00 1.35
CA LEU A 215 -22.06 -3.44 1.07
C LEU A 215 -22.16 -4.30 2.32
N GLY A 216 -22.02 -3.73 3.52
CA GLY A 216 -22.23 -4.49 4.74
C GLY A 216 -21.12 -5.42 5.16
N ARG A 217 -19.92 -5.27 4.61
CA ARG A 217 -18.78 -6.10 4.94
C ARG A 217 -17.51 -5.30 4.76
N MET A 218 -16.42 -5.77 5.35
CA MET A 218 -15.11 -5.20 5.02
C MET A 218 -14.57 -5.81 3.74
N GLY A 219 -13.51 -5.17 3.19
CA GLY A 219 -12.83 -5.68 2.01
C GLY A 219 -11.80 -6.74 2.36
N GLN A 220 -11.29 -7.41 1.32
CA GLN A 220 -10.27 -8.44 1.47
C GLN A 220 -8.98 -8.02 0.78
N PRO A 221 -7.84 -8.45 1.28
CA PRO A 221 -6.57 -8.16 0.58
C PRO A 221 -6.55 -8.58 -0.89
N ALA A 222 -7.19 -9.69 -1.25
CA ALA A 222 -7.19 -10.13 -2.64
C ALA A 222 -7.90 -9.12 -3.55
N GLU A 223 -8.85 -8.35 -3.00
CA GLU A 223 -9.57 -7.37 -3.80
C GLU A 223 -8.69 -6.14 -4.07
N VAL A 224 -7.89 -5.73 -3.09
CA VAL A 224 -6.86 -4.72 -3.38
C VAL A 224 -5.85 -5.28 -4.38
N GLY A 225 -5.51 -6.56 -4.27
CA GLY A 225 -4.54 -7.15 -5.20
C GLY A 225 -5.01 -7.12 -6.65
N ALA A 226 -6.29 -7.42 -6.88
CA ALA A 226 -6.83 -7.40 -8.24
C ALA A 226 -6.81 -5.99 -8.82
N ALA A 227 -7.12 -4.99 -8.01
CA ALA A 227 -7.00 -3.60 -8.45
C ALA A 227 -5.57 -3.25 -8.83
N ALA A 228 -4.59 -3.74 -8.06
CA ALA A 228 -3.19 -3.45 -8.39
C ALA A 228 -2.79 -4.08 -9.72
N VAL A 229 -3.20 -5.33 -9.96
CA VAL A 229 -2.84 -6.00 -11.21
C VAL A 229 -3.48 -5.28 -12.40
N PHE A 230 -4.72 -4.82 -12.24
CA PHE A 230 -5.35 -4.00 -13.27
C PHE A 230 -4.50 -2.77 -13.61
N LEU A 231 -4.10 -2.01 -12.59
CA LEU A 231 -3.33 -0.78 -12.82
C LEU A 231 -1.99 -1.07 -13.50
N ALA A 232 -1.32 -2.15 -13.10
CA ALA A 232 -0.04 -2.49 -13.71
C ALA A 232 -0.20 -2.93 -15.16
N SER A 233 -1.16 -3.83 -15.43
CA SER A 233 -1.14 -4.59 -16.67
C SER A 233 -2.11 -4.09 -17.74
N GLU A 234 -3.16 -3.37 -17.38
CA GLU A 234 -4.22 -3.09 -18.35
C GLU A 234 -4.74 -1.66 -18.31
N ALA A 235 -4.05 -0.74 -17.65
CA ALA A 235 -4.57 0.62 -17.48
C ALA A 235 -3.62 1.62 -18.13
N ASN A 236 -3.26 1.34 -19.40
CA ASN A 236 -2.22 2.10 -20.08
C ASN A 236 -2.57 3.57 -20.32
N PHE A 237 -3.85 3.95 -20.22
CA PHE A 237 -4.24 5.35 -20.34
C PHE A 237 -4.55 5.98 -18.96
N CYS A 238 -4.27 5.27 -17.87
CA CYS A 238 -4.50 5.75 -16.51
C CYS A 238 -3.21 6.20 -15.87
N THR A 239 -3.13 7.49 -15.50
CA THR A 239 -1.98 7.96 -14.73
C THR A 239 -2.47 9.08 -13.81
N GLY A 240 -1.92 9.09 -12.60
CA GLY A 240 -2.36 10.03 -11.58
C GLY A 240 -3.76 9.81 -11.04
N ILE A 241 -4.34 8.58 -11.17
CA ILE A 241 -5.70 8.37 -10.69
C ILE A 241 -5.66 7.80 -9.28
N GLU A 242 -6.79 7.94 -8.57
CA GLU A 242 -6.99 7.40 -7.22
C GLU A 242 -8.12 6.38 -7.32
N LEU A 243 -7.78 5.09 -7.26
CA LEU A 243 -8.75 4.02 -7.48
C LEU A 243 -9.35 3.59 -6.13
N LEU A 244 -10.63 3.88 -5.90
CA LEU A 244 -11.26 3.60 -4.61
C LEU A 244 -11.65 2.14 -4.48
N VAL A 245 -11.22 1.49 -3.39
CA VAL A 245 -11.59 0.11 -3.10
C VAL A 245 -12.18 0.09 -1.69
N THR A 246 -13.44 0.54 -1.55
CA THR A 246 -13.98 0.98 -0.26
C THR A 246 -15.35 0.40 0.08
N GLY A 247 -15.95 -0.40 -0.78
CA GLY A 247 -17.30 -0.86 -0.53
C GLY A 247 -18.37 0.21 -0.48
N GLY A 248 -18.08 1.41 -1.00
CA GLY A 248 -19.01 2.53 -1.03
C GLY A 248 -19.09 3.34 0.24
N ALA A 249 -18.10 3.22 1.15
CA ALA A 249 -18.21 3.85 2.46
C ALA A 249 -18.37 5.38 2.36
N GLU A 250 -17.88 5.99 1.27
CA GLU A 250 -17.92 7.44 1.14
C GLU A 250 -19.26 7.96 0.61
N LEU A 251 -20.20 7.07 0.26
CA LEU A 251 -21.46 7.45 -0.36
C LEU A 251 -22.57 7.68 0.65
N GLY A 252 -23.38 8.72 0.41
CA GLY A 252 -24.59 8.93 1.19
C GLY A 252 -24.38 9.42 2.62
N TYR A 253 -25.49 9.69 3.30
CA TYR A 253 -25.51 10.12 4.70
C TYR A 253 -25.40 8.94 5.65
N GLY A 254 -24.77 9.20 6.81
CA GLY A 254 -24.70 8.25 7.91
C GLY A 254 -24.55 9.00 9.21
N ALA A 255 -24.73 8.28 10.32
CA ALA A 255 -24.61 8.91 11.63
C ALA A 255 -23.15 9.26 11.92
N LYS A 256 -22.86 10.56 12.06
CA LYS A 256 -21.52 11.05 12.31
C LYS A 256 -21.35 11.72 13.67
N ALA A 257 -22.43 12.13 14.31
CA ALA A 257 -22.38 12.67 15.66
C ALA A 257 -23.00 11.66 16.62
N SER A 258 -22.56 11.68 17.87
CA SER A 258 -23.11 10.79 18.88
C SER A 258 -24.04 11.48 19.86
N ARG A 259 -24.10 12.81 19.86
CA ARG A 259 -24.97 13.56 20.77
C ARG A 259 -25.58 14.77 20.05
PA NAD B . -0.51 -4.73 8.20
O1A NAD B . -1.42 -5.91 8.40
O2A NAD B . 0.00 -4.15 9.52
O5B NAD B . 0.76 -5.11 7.27
C5B NAD B . 1.77 -4.13 6.99
C4B NAD B . 3.06 -4.83 6.63
O4B NAD B . 4.08 -3.86 6.35
C3B NAD B . 3.59 -5.75 7.73
O3B NAD B . 3.99 -7.00 7.16
C2B NAD B . 4.75 -4.93 8.33
O2B NAD B . 5.83 -5.69 8.86
C1B NAD B . 5.25 -4.18 7.10
N9A NAD B . 6.00 -2.97 7.39
C8A NAD B . 5.74 -2.06 8.38
N7A NAD B . 6.67 -1.13 8.51
C5A NAD B . 7.58 -1.45 7.52
C6A NAD B . 8.82 -0.87 7.16
N6A NAD B . 9.36 0.18 7.77
N1A NAD B . 9.50 -1.45 6.14
C2A NAD B . 8.97 -2.52 5.52
N3A NAD B . 7.82 -3.15 5.79
C4A NAD B . 7.17 -2.58 6.81
O3 NAD B . -1.29 -3.53 7.50
PN NAD B . -2.40 -3.50 6.36
O1N NAD B . -2.14 -4.63 5.43
O2N NAD B . -3.74 -3.39 6.98
O5D NAD B . -2.07 -2.13 5.62
C5D NAD B . -1.19 -2.09 4.47
C4D NAD B . -1.29 -0.72 3.84
O4D NAD B . -2.67 -0.44 3.48
C3D NAD B . -0.83 0.46 4.71
O3D NAD B . -0.17 1.47 3.93
C2D NAD B . -2.15 0.99 5.27
O2D NAD B . -2.09 2.35 5.67
C1D NAD B . -3.03 0.80 4.04
N1N NAD B . -4.55 0.78 4.33
C2N NAD B . -5.07 -0.14 5.16
C3N NAD B . -6.43 -0.18 5.39
C7N NAD B . -7.12 -1.24 6.24
O7N NAD B . -8.35 -1.16 6.41
N7N NAD B . -6.38 -2.23 6.75
C4N NAD B . -7.24 0.76 4.76
C5N NAD B . -6.68 1.69 3.91
C6N NAD B . -5.32 1.70 3.71
F F45 C . -9.29 3.70 5.67
C13 F45 C . -8.80 3.10 6.78
C12 F45 C . -9.67 2.51 7.66
C11 F45 C . -9.14 1.86 8.77
C14 F45 C . -7.43 3.09 6.95
O2 F45 C . -6.58 3.67 6.05
C15 F45 C . -6.91 2.43 8.06
C10 F45 C . -7.77 1.81 8.97
C9 F45 C . -7.20 1.10 10.15
O1 F45 C . -6.03 0.74 10.16
C8 F45 C . -8.08 0.84 11.35
C7 F45 C . -8.30 -0.46 11.80
C6 F45 C . -9.08 -0.64 12.93
C5 F45 C . -9.61 0.46 13.56
N F45 C . -8.61 1.92 11.95
C4 F45 C . -9.36 1.73 13.04
C3 F45 C . -9.85 2.96 13.72
C2 F45 C . -10.98 2.94 14.53
C1 F45 C . -11.40 4.09 15.18
C16 F45 C . -9.15 4.15 13.56
C17 F45 C . -9.56 5.30 14.22
O3 F45 C . -8.87 6.47 14.06
C F45 C . -10.69 5.27 15.05
O F45 C . -11.04 6.41 15.71
S DMS D . 14.47 -3.49 -19.49
O DMS D . 15.73 -2.71 -19.45
C1 DMS D . 13.81 -3.46 -21.20
C2 DMS D . 14.93 -5.25 -19.43
NA NA E . 9.54 -18.86 -3.96
#